data_3GC5
#
_entry.id   3GC5
#
_cell.length_a   90.200
_cell.length_b   65.000
_cell.length_c   70.800
_cell.angle_alpha   90.00
_cell.angle_beta   96.20
_cell.angle_gamma   90.00
#
_symmetry.space_group_name_H-M   'C 1 2 1'
#
loop_
_entity.id
_entity.type
_entity.pdbx_description
1 polymer 'Queuine tRNA-ribosyltransferase'
2 non-polymer 'ZINC ION'
3 non-polymer 6-amino-4-(2-aminoethyl)-2-(methylamino)-1,7-dihydro-8H-imidazo[4,5-g]quinazolin-8-one
4 non-polymer GLYCEROL
5 water water
#
_entity_poly.entity_id   1
_entity_poly.type   'polypeptide(L)'
_entity_poly.pdbx_seq_one_letter_code
;MVEATAQETDRPRFSFSIAAREGKARTGTIEMKRGVIRTPAFMPVGTAATVKALKPETVRATGADIILGNTYHLMLRPGA
ERIAKLGGLHSFMGWDRPILTDSGGYQVMSLSSLTKQSEEGVTFKSHLDGSRHMLSPERSIEIQHLLGSDIVMAFDECTP
YPATPSRAASSMERSMRWAKRSRDAFDSRKEQAENAALFGIQQGSVFENLRQQSADALAEIGFDGYAVGGLAVGEGQDEM
FRVLDFSVPMLPDDKPHYLMGVGKPDDIVGAVERGIDMFDCVLPTRSGRNGQAFTWDGPINIRNARFSEDLKPLDSECHC
AVCQKWSRAYIHHLIRAGEILGAMLMTEHNIAFYQQLMQKIRDSISEGRFSQFAQDFRARYFARNS
;
_entity_poly.pdbx_strand_id   A
#
loop_
_chem_comp.id
_chem_comp.type
_chem_comp.name
_chem_comp.formula
2MQ non-polymer 6-amino-4-(2-aminoethyl)-2-(methylamino)-1,7-dihydro-8H-imidazo[4,5-g]quinazolin-8-one 'C12 H15 N7 O'
GOL non-polymer GLYCEROL 'C3 H8 O3'
ZN non-polymer 'ZINC ION' 'Zn 2'
#
# COMPACT_ATOMS: atom_id res chain seq x y z
N ARG A 11 -9.48 17.91 13.03
CA ARG A 11 -8.41 17.90 12.04
C ARG A 11 -8.98 18.43 10.72
N PRO A 12 -8.13 18.80 9.80
CA PRO A 12 -8.50 19.20 8.45
C PRO A 12 -8.81 17.99 7.57
N ARG A 13 -9.43 18.29 6.44
CA ARG A 13 -9.66 17.23 5.45
C ARG A 13 -8.36 16.54 5.09
N PHE A 14 -7.32 17.34 4.84
CA PHE A 14 -6.02 16.84 4.46
C PHE A 14 -4.93 17.85 4.71
N SER A 15 -3.88 17.48 5.42
CA SER A 15 -2.69 18.32 5.56
CA SER A 15 -2.68 18.31 5.47
C SER A 15 -1.47 17.44 5.68
N PHE A 16 -0.52 17.53 4.80
CA PHE A 16 0.75 16.83 4.87
C PHE A 16 1.85 17.81 5.31
N SER A 17 2.55 17.46 6.34
CA SER A 17 3.62 18.25 6.93
CA SER A 17 3.64 18.26 6.88
C SER A 17 4.91 17.43 6.99
N ILE A 18 5.99 17.94 6.46
CA ILE A 18 7.28 17.28 6.52
C ILE A 18 8.05 17.83 7.72
N ALA A 19 8.34 17.02 8.70
CA ALA A 19 9.04 17.42 9.93
C ALA A 19 10.54 17.30 9.83
N ALA A 20 11.06 16.43 9.00
CA ALA A 20 12.49 16.20 8.91
C ALA A 20 12.84 15.53 7.62
N ARG A 21 14.05 15.75 7.14
CA ARG A 21 14.51 15.28 5.85
CA ARG A 21 14.50 15.25 5.86
C ARG A 21 15.94 14.74 5.95
N GLU A 22 16.31 13.79 5.16
CA GLU A 22 17.69 13.31 5.02
C GLU A 22 17.85 12.88 3.57
N GLY A 23 18.62 13.60 2.79
CA GLY A 23 18.72 13.33 1.37
C GLY A 23 17.32 13.48 0.75
N LYS A 24 16.94 12.43 0.06
CA LYS A 24 15.60 12.41 -0.54
C LYS A 24 14.52 11.89 0.42
N ALA A 25 14.94 11.31 1.54
CA ALA A 25 14.00 10.77 2.51
C ALA A 25 13.35 11.87 3.32
N ARG A 26 12.09 11.64 3.68
CA ARG A 26 11.29 12.55 4.45
C ARG A 26 10.50 11.80 5.52
N THR A 27 10.26 12.48 6.62
CA THR A 27 9.36 11.97 7.64
C THR A 27 8.44 13.09 8.10
N GLY A 28 7.19 12.79 8.36
CA GLY A 28 6.16 13.75 8.66
C GLY A 28 4.84 13.14 9.02
N THR A 29 3.80 13.90 8.81
CA THR A 29 2.46 13.45 9.14
C THR A 29 1.48 13.89 8.06
N ILE A 30 0.45 13.03 7.88
CA ILE A 30 -0.73 13.47 7.13
C ILE A 30 -1.87 13.56 8.12
N GLU A 31 -2.49 14.70 8.28
CA GLU A 31 -3.64 14.83 9.16
C GLU A 31 -4.88 14.76 8.31
N MET A 32 -5.82 13.93 8.69
CA MET A 32 -7.13 13.76 8.09
C MET A 32 -8.18 13.77 9.18
N LYS A 33 -9.43 13.87 8.75
CA LYS A 33 -10.49 13.91 9.75
C LYS A 33 -10.51 12.68 10.63
N ARG A 34 -10.24 11.47 10.14
CA ARG A 34 -10.33 10.27 10.94
CA ARG A 34 -10.33 10.28 10.95
C ARG A 34 -9.03 9.92 11.66
N GLY A 35 -7.98 10.71 11.47
CA GLY A 35 -6.76 10.42 12.18
C GLY A 35 -5.50 10.95 11.53
N VAL A 36 -4.42 10.79 12.27
CA VAL A 36 -3.09 11.17 11.83
C VAL A 36 -2.35 9.97 11.31
N ILE A 37 -1.68 10.11 10.19
CA ILE A 37 -0.89 9.11 9.56
C ILE A 37 0.58 9.51 9.63
N ARG A 38 1.40 8.76 10.29
CA ARG A 38 2.84 8.99 10.36
C ARG A 38 3.55 8.48 9.14
N THR A 39 4.41 9.30 8.55
CA THR A 39 5.10 8.92 7.33
C THR A 39 6.63 8.86 7.48
N PRO A 40 7.35 7.97 6.83
CA PRO A 40 6.80 6.93 5.94
C PRO A 40 5.90 5.89 6.61
N ALA A 41 4.84 5.54 5.90
CA ALA A 41 3.76 4.74 6.40
C ALA A 41 3.66 3.43 5.64
N PHE A 42 3.38 2.34 6.34
CA PHE A 42 3.00 1.08 5.73
C PHE A 42 1.52 0.83 6.03
N MET A 43 0.75 0.53 5.00
CA MET A 43 -0.66 0.26 5.07
C MET A 43 -0.92 -1.24 4.93
N PRO A 44 -1.31 -1.90 6.00
CA PRO A 44 -1.80 -3.29 5.85
C PRO A 44 -2.98 -3.33 4.90
N VAL A 45 -3.08 -4.45 4.19
CA VAL A 45 -4.06 -4.60 3.14
C VAL A 45 -5.26 -5.39 3.64
N GLY A 46 -6.45 -4.82 3.46
CA GLY A 46 -7.71 -5.42 3.87
C GLY A 46 -8.71 -5.59 2.74
N THR A 47 -8.31 -6.39 1.76
CA THR A 47 -9.01 -6.54 0.47
C THR A 47 -10.47 -6.98 0.67
N ALA A 48 -10.86 -7.91 1.55
CA ALA A 48 -12.31 -8.20 1.60
C ALA A 48 -12.95 -7.62 2.86
N ALA A 49 -12.62 -6.38 3.17
CA ALA A 49 -13.06 -5.69 4.38
C ALA A 49 -12.58 -6.40 5.66
N THR A 50 -11.37 -6.93 5.54
CA THR A 50 -10.67 -7.48 6.72
C THR A 50 -9.19 -7.54 6.40
N VAL A 51 -8.35 -7.20 7.37
CA VAL A 51 -6.92 -7.51 7.27
C VAL A 51 -6.82 -8.95 7.71
N LYS A 52 -6.45 -9.87 6.86
CA LYS A 52 -6.74 -11.30 7.03
C LYS A 52 -6.17 -11.77 8.36
N ALA A 53 -7.01 -12.43 9.15
CA ALA A 53 -6.72 -13.07 10.41
C ALA A 53 -6.45 -12.11 11.55
N LEU A 54 -6.73 -10.82 11.40
CA LEU A 54 -6.60 -9.87 12.48
C LEU A 54 -7.87 -9.07 12.76
N LYS A 55 -8.22 -8.90 14.02
CA LYS A 55 -9.19 -7.88 14.40
C LYS A 55 -8.64 -6.50 14.15
N PRO A 56 -9.43 -5.52 13.82
CA PRO A 56 -8.95 -4.15 13.69
C PRO A 56 -8.22 -3.64 14.91
N GLU A 57 -8.63 -4.00 16.12
CA GLU A 57 -7.84 -3.55 17.27
C GLU A 57 -6.43 -4.11 17.27
N THR A 58 -6.22 -5.31 16.74
CA THR A 58 -4.90 -5.89 16.66
C THR A 58 -4.09 -5.18 15.60
N VAL A 59 -4.76 -4.88 14.46
CA VAL A 59 -4.05 -4.05 13.45
C VAL A 59 -3.59 -2.76 14.07
N ARG A 60 -4.43 -2.07 14.81
CA ARG A 60 -3.99 -0.80 15.39
C ARG A 60 -2.94 -1.05 16.44
N ALA A 61 -3.07 -2.08 17.26
CA ALA A 61 -2.01 -2.32 18.27
C ALA A 61 -0.62 -2.50 17.69
N THR A 62 -0.49 -3.02 16.50
CA THR A 62 0.78 -3.19 15.87
C THR A 62 1.35 -1.84 15.42
N GLY A 63 0.58 -0.76 15.42
CA GLY A 63 1.15 0.52 14.99
C GLY A 63 0.52 1.08 13.73
N ALA A 64 -0.33 0.36 13.03
CA ALA A 64 -0.87 0.92 11.80
C ALA A 64 -1.78 2.11 12.05
N ASP A 65 -1.66 3.11 11.19
CA ASP A 65 -2.44 4.34 11.22
C ASP A 65 -3.54 4.40 10.15
N ILE A 66 -3.37 3.53 9.16
CA ILE A 66 -4.21 3.54 7.95
C ILE A 66 -4.08 2.15 7.33
N ILE A 67 -5.19 1.68 6.76
CA ILE A 67 -5.23 0.41 6.02
C ILE A 67 -5.74 0.64 4.61
N LEU A 68 -5.46 -0.34 3.76
CA LEU A 68 -5.88 -0.26 2.36
C LEU A 68 -7.10 -1.15 2.14
N GLY A 69 -8.12 -0.69 1.42
CA GLY A 69 -9.24 -1.44 0.88
C GLY A 69 -9.23 -1.46 -0.63
N ASN A 70 -9.96 -2.38 -1.29
CA ASN A 70 -9.88 -2.48 -2.75
C ASN A 70 -11.25 -2.27 -3.37
N THR A 71 -11.46 -1.35 -4.29
CA THR A 71 -12.68 -1.15 -5.04
C THR A 71 -13.09 -2.46 -5.70
N TYR A 72 -12.15 -3.14 -6.32
CA TYR A 72 -12.51 -4.32 -7.11
C TYR A 72 -13.12 -5.41 -6.25
N HIS A 73 -12.46 -5.85 -5.18
CA HIS A 73 -13.01 -6.94 -4.42
C HIS A 73 -14.32 -6.55 -3.73
N LEU A 74 -14.34 -5.33 -3.17
CA LEU A 74 -15.54 -4.98 -2.40
C LEU A 74 -16.74 -4.70 -3.29
N MET A 75 -16.55 -4.22 -4.53
CA MET A 75 -17.68 -4.06 -5.43
C MET A 75 -18.28 -5.42 -5.81
N LEU A 76 -17.49 -6.47 -5.75
CA LEU A 76 -18.00 -7.80 -6.09
C LEU A 76 -18.70 -8.43 -4.89
N ARG A 77 -18.04 -8.31 -3.76
CA ARG A 77 -18.53 -8.95 -2.52
C ARG A 77 -18.01 -8.14 -1.35
N PRO A 78 -18.85 -7.53 -0.55
CA PRO A 78 -20.29 -7.67 -0.52
C PRO A 78 -21.10 -6.74 -1.39
N GLY A 79 -20.46 -5.80 -2.10
CA GLY A 79 -21.10 -4.81 -2.94
C GLY A 79 -21.01 -3.41 -2.36
N ALA A 80 -20.78 -2.41 -3.20
CA ALA A 80 -20.50 -1.05 -2.72
C ALA A 80 -21.78 -0.41 -2.18
N GLU A 81 -22.86 -0.59 -2.91
CA GLU A 81 -24.15 -0.06 -2.45
C GLU A 81 -24.57 -0.70 -1.15
N ARG A 82 -24.32 -1.99 -1.00
CA ARG A 82 -24.64 -2.70 0.23
C ARG A 82 -23.86 -2.11 1.39
N ILE A 83 -22.54 -1.96 1.18
CA ILE A 83 -21.77 -1.39 2.26
C ILE A 83 -22.24 0.01 2.61
N ALA A 84 -22.59 0.83 1.61
CA ALA A 84 -23.10 2.15 1.99
C ALA A 84 -24.40 2.05 2.79
N LYS A 85 -25.28 1.14 2.38
CA LYS A 85 -26.55 1.02 3.12
C LYS A 85 -26.32 0.60 4.56
N LEU A 86 -25.24 -0.17 4.76
CA LEU A 86 -24.89 -0.58 6.11
C LEU A 86 -24.06 0.40 6.91
N GLY A 87 -23.73 1.55 6.33
CA GLY A 87 -23.11 2.61 7.05
C GLY A 87 -21.70 2.96 6.64
N GLY A 88 -21.20 2.32 5.59
CA GLY A 88 -19.87 2.54 5.09
C GLY A 88 -18.89 1.52 5.58
N LEU A 89 -17.72 1.48 4.97
CA LEU A 89 -16.71 0.45 5.26
C LEU A 89 -16.13 0.55 6.65
N HIS A 90 -15.92 1.75 7.17
CA HIS A 90 -15.35 1.90 8.50
C HIS A 90 -16.26 1.24 9.55
N SER A 91 -17.55 1.54 9.49
CA SER A 91 -18.52 0.96 10.44
C SER A 91 -18.66 -0.54 10.22
N PHE A 92 -18.74 -0.94 8.97
CA PHE A 92 -18.91 -2.36 8.63
C PHE A 92 -17.81 -3.21 9.22
N MET A 93 -16.54 -2.85 9.02
CA MET A 93 -15.43 -3.67 9.50
C MET A 93 -14.87 -3.26 10.85
N GLY A 94 -15.29 -2.16 11.42
CA GLY A 94 -14.83 -1.77 12.74
C GLY A 94 -13.46 -1.13 12.83
N TRP A 95 -13.09 -0.44 11.75
CA TRP A 95 -11.87 0.33 11.65
C TRP A 95 -12.28 1.79 11.51
N ASP A 96 -12.00 2.60 12.50
CA ASP A 96 -12.46 3.98 12.52
C ASP A 96 -11.43 5.00 12.08
N ARG A 97 -10.28 4.53 11.68
CA ARG A 97 -9.18 5.39 11.26
C ARG A 97 -9.14 5.53 9.75
N PRO A 98 -8.24 6.27 9.13
CA PRO A 98 -8.28 6.40 7.68
C PRO A 98 -8.12 5.07 6.96
N ILE A 99 -8.78 5.04 5.80
CA ILE A 99 -8.73 3.97 4.84
C ILE A 99 -8.39 4.54 3.47
N LEU A 100 -7.42 3.98 2.78
CA LEU A 100 -7.12 4.30 1.40
C LEU A 100 -7.74 3.19 0.56
N THR A 101 -8.43 3.54 -0.51
CA THR A 101 -8.92 2.51 -1.41
C THR A 101 -8.22 2.61 -2.77
N ASP A 102 -7.78 1.46 -3.27
CA ASP A 102 -7.33 1.42 -4.67
C ASP A 102 -8.57 1.51 -5.56
N SER A 103 -8.35 1.88 -6.80
CA SER A 103 -9.42 2.27 -7.70
C SER A 103 -9.96 1.14 -8.56
N GLY A 104 -9.30 -0.02 -8.55
CA GLY A 104 -9.66 -1.14 -9.39
C GLY A 104 -8.82 -1.10 -10.62
N GLY A 105 -8.90 -2.03 -11.56
CA GLY A 105 -7.98 -1.67 -12.67
C GLY A 105 -6.60 -2.25 -12.50
N TYR A 106 -5.86 -2.01 -11.40
CA TYR A 106 -4.78 -2.99 -11.22
C TYR A 106 -5.47 -4.35 -11.04
N GLN A 107 -6.42 -4.39 -10.11
CA GLN A 107 -6.98 -5.66 -9.70
C GLN A 107 -7.83 -6.24 -10.82
N VAL A 108 -8.45 -5.38 -11.65
CA VAL A 108 -9.31 -5.95 -12.70
C VAL A 108 -8.41 -6.76 -13.63
N MET A 109 -7.36 -6.06 -14.08
CA MET A 109 -6.45 -6.72 -15.02
C MET A 109 -5.82 -7.95 -14.40
N SER A 110 -5.56 -7.87 -13.10
CA SER A 110 -4.89 -8.97 -12.42
CA SER A 110 -4.89 -8.95 -12.39
C SER A 110 -5.76 -10.19 -12.24
N LEU A 111 -6.96 -10.01 -11.71
CA LEU A 111 -7.78 -11.12 -11.30
C LEU A 111 -8.99 -11.42 -12.16
N SER A 112 -9.46 -10.52 -13.02
CA SER A 112 -10.65 -10.89 -13.79
C SER A 112 -10.27 -11.84 -14.92
N LEU A 114 -12.51 -12.13 -17.19
CA LEU A 114 -12.73 -11.74 -18.59
C LEU A 114 -12.88 -10.23 -18.67
N THR A 115 -12.33 -9.59 -19.70
CA THR A 115 -12.27 -8.13 -19.73
C THR A 115 -12.25 -7.52 -21.13
N LYS A 116 -12.90 -6.36 -21.22
CA LYS A 116 -13.08 -5.55 -22.41
C LYS A 116 -12.68 -4.10 -22.07
N GLN A 117 -11.58 -3.64 -22.61
CA GLN A 117 -11.10 -2.30 -22.30
C GLN A 117 -11.40 -1.31 -23.41
N SER A 118 -11.86 -0.14 -23.03
CA SER A 118 -12.14 0.96 -23.97
C SER A 118 -11.76 2.28 -23.34
N GLU A 119 -11.86 3.37 -24.07
CA GLU A 119 -11.63 4.68 -23.49
C GLU A 119 -12.63 5.00 -22.38
N GLU A 120 -13.80 4.37 -22.34
CA GLU A 120 -14.78 4.70 -21.32
C GLU A 120 -14.44 3.99 -20.02
N GLY A 121 -13.75 2.87 -20.05
CA GLY A 121 -13.39 2.10 -18.88
C GLY A 121 -13.18 0.63 -19.21
N VAL A 122 -13.55 -0.24 -18.27
CA VAL A 122 -13.35 -1.68 -18.50
C VAL A 122 -14.60 -2.45 -18.04
N THR A 123 -14.96 -3.43 -18.86
CA THR A 123 -16.02 -4.37 -18.57
C THR A 123 -15.37 -5.74 -18.38
N PHE A 124 -15.90 -6.44 -17.35
CA PHE A 124 -15.17 -7.62 -16.92
C PHE A 124 -16.09 -8.63 -16.24
N LYS A 125 -15.54 -9.85 -16.19
CA LYS A 125 -16.19 -10.97 -15.55
C LYS A 125 -15.52 -11.30 -14.21
N SER A 126 -16.34 -11.38 -13.17
CA SER A 126 -15.85 -11.67 -11.83
C SER A 126 -15.06 -12.97 -11.82
N SER A 131 -21.04 -12.92 -13.56
CA SER A 131 -21.81 -11.69 -13.42
C SER A 131 -21.08 -10.56 -14.13
N ARG A 132 -21.78 -9.83 -14.99
CA ARG A 132 -21.13 -8.73 -15.72
C ARG A 132 -20.85 -7.53 -14.84
N HIS A 133 -19.64 -6.96 -14.89
CA HIS A 133 -19.35 -5.74 -14.14
C HIS A 133 -18.66 -4.71 -15.03
N MET A 134 -18.69 -3.47 -14.55
CA MET A 134 -18.03 -2.37 -15.22
C MET A 134 -17.37 -1.40 -14.24
N LEU A 135 -16.22 -0.91 -14.71
CA LEU A 135 -15.54 0.16 -13.99
CA LEU A 135 -15.54 0.17 -14.00
C LEU A 135 -15.17 1.25 -15.02
N SER A 136 -15.18 2.48 -14.55
CA SER A 136 -14.88 3.67 -15.35
C SER A 136 -14.34 4.64 -14.33
N PRO A 137 -13.70 5.72 -14.75
CA PRO A 137 -13.30 6.71 -13.77
C PRO A 137 -14.46 7.15 -12.87
N GLU A 138 -15.61 7.42 -13.49
CA GLU A 138 -16.74 7.91 -12.72
C GLU A 138 -17.26 6.84 -11.76
N ARG A 139 -17.36 5.61 -12.21
CA ARG A 139 -17.91 4.55 -11.37
C ARG A 139 -16.96 4.22 -10.23
N SER A 140 -15.67 4.21 -10.52
CA SER A 140 -14.65 3.96 -9.52
C SER A 140 -14.75 4.97 -8.39
N ILE A 141 -14.82 6.25 -8.74
CA ILE A 141 -14.82 7.29 -7.74
C ILE A 141 -16.12 7.16 -6.96
N GLU A 142 -17.23 6.81 -7.64
CA GLU A 142 -18.48 6.65 -6.94
C GLU A 142 -18.43 5.47 -5.97
N ILE A 143 -17.87 4.34 -6.37
CA ILE A 143 -17.68 3.22 -5.45
C ILE A 143 -16.88 3.62 -4.23
N GLN A 144 -15.77 4.33 -4.47
CA GLN A 144 -14.98 4.73 -3.32
C GLN A 144 -15.72 5.66 -2.40
N HIS A 145 -16.59 6.51 -2.92
CA HIS A 145 -17.51 7.31 -2.11
C HIS A 145 -18.47 6.45 -1.30
N LEU A 146 -19.10 5.46 -1.91
CA LEU A 146 -20.05 4.59 -1.29
C LEU A 146 -19.37 3.82 -0.15
N LEU A 147 -18.12 3.42 -0.34
CA LEU A 147 -17.36 2.78 0.71
C LEU A 147 -17.03 3.75 1.82
N GLY A 148 -16.90 5.03 1.53
CA GLY A 148 -16.53 6.01 2.52
C GLY A 148 -15.02 6.13 2.67
N SER A 149 -14.28 5.88 1.62
CA SER A 149 -12.83 5.97 1.60
C SER A 149 -12.37 7.36 2.02
N ASP A 150 -11.31 7.44 2.81
CA ASP A 150 -10.64 8.70 3.10
C ASP A 150 -9.62 9.14 2.08
N ILE A 151 -8.86 8.20 1.55
CA ILE A 151 -7.96 8.53 0.44
C ILE A 151 -8.41 7.72 -0.77
N VAL A 152 -8.90 8.40 -1.77
CA VAL A 152 -9.44 7.91 -3.02
C VAL A 152 -8.35 7.91 -4.06
N MET A 153 -8.18 6.78 -4.76
CA MET A 153 -7.20 6.72 -5.83
C MET A 153 -7.89 7.01 -7.16
N ALA A 154 -7.23 7.78 -8.03
CA ALA A 154 -7.72 7.92 -9.40
C ALA A 154 -7.77 6.57 -10.07
N PHE A 155 -8.68 6.45 -11.03
CA PHE A 155 -8.83 5.23 -11.84
C PHE A 155 -7.80 5.22 -12.96
N ASP A 156 -6.96 4.23 -13.01
CA ASP A 156 -5.84 4.19 -13.92
C ASP A 156 -5.85 2.88 -14.70
N GLU A 157 -4.86 2.83 -15.60
CA GLU A 157 -4.42 1.63 -16.30
C GLU A 157 -3.04 1.21 -15.86
N CYS A 158 -2.77 0.09 -15.19
N CYS A 158 -2.96 0.06 -15.20
CA CYS A 158 -1.40 -0.34 -14.83
CA CYS A 158 -1.57 -0.41 -15.09
C CYS A 158 -0.75 -1.12 -15.98
C CYS A 158 -1.11 -0.71 -16.50
N THR A 159 0.17 -0.48 -16.66
CA THR A 159 0.88 -0.88 -17.86
C THR A 159 1.67 -2.15 -17.56
N PRO A 160 1.36 -3.24 -18.23
CA PRO A 160 2.14 -4.48 -18.03
C PRO A 160 3.64 -4.27 -18.32
N TYR A 161 4.42 -5.13 -17.69
CA TYR A 161 5.86 -5.14 -17.84
C TYR A 161 6.27 -6.48 -18.45
N PRO A 162 7.18 -6.43 -19.43
CA PRO A 162 7.70 -5.24 -20.08
C PRO A 162 6.72 -4.62 -21.08
N ALA A 163 6.89 -3.32 -21.32
CA ALA A 163 6.11 -2.65 -22.35
C ALA A 163 6.98 -1.93 -23.36
N THR A 164 6.53 -1.94 -24.63
CA THR A 164 7.28 -1.15 -25.61
C THR A 164 7.04 0.35 -25.36
N PRO A 165 7.88 1.26 -25.74
CA PRO A 165 7.61 2.70 -25.52
C PRO A 165 6.26 3.12 -26.10
N SER A 166 5.88 2.55 -27.27
CA SER A 166 4.60 3.00 -27.83
C SER A 166 3.41 2.68 -26.97
N ARG A 167 3.29 1.48 -26.46
CA ARG A 167 2.26 0.90 -25.66
C ARG A 167 2.27 1.58 -24.29
N ALA A 168 3.45 1.77 -23.73
CA ALA A 168 3.52 2.48 -22.45
C ALA A 168 2.99 3.88 -22.61
N ALA A 169 3.30 4.56 -23.71
CA ALA A 169 2.87 5.94 -23.92
C ALA A 169 1.37 5.97 -24.09
N SER A 170 0.81 5.08 -24.91
CA SER A 170 -0.64 5.07 -25.16
C SER A 170 -1.37 4.89 -23.85
N SER A 171 -0.83 3.96 -23.03
CA SER A 171 -1.44 3.58 -21.78
C SER A 171 -1.38 4.69 -20.76
N MET A 172 -0.20 5.33 -20.68
CA MET A 172 -0.05 6.47 -19.80
C MET A 172 -0.96 7.62 -20.20
N GLU A 173 -1.08 7.88 -21.49
CA GLU A 173 -1.94 8.98 -21.91
C GLU A 173 -3.38 8.74 -21.58
N ARG A 174 -3.83 7.53 -21.72
CA ARG A 174 -5.19 7.19 -21.31
C ARG A 174 -5.34 7.41 -19.81
N SER A 175 -4.36 6.88 -19.05
CA SER A 175 -4.43 7.09 -17.61
C SER A 175 -4.50 8.56 -17.25
N MET A 176 -3.79 9.43 -17.99
CA MET A 176 -3.89 10.85 -17.63
C MET A 176 -5.23 11.42 -17.98
N ARG A 177 -5.85 10.97 -19.07
CA ARG A 177 -7.21 11.43 -19.35
C ARG A 177 -8.14 10.93 -18.27
N TRP A 178 -7.96 9.72 -17.79
CA TRP A 178 -8.79 9.16 -16.69
C TRP A 178 -8.50 9.83 -15.38
N ALA A 179 -7.30 10.35 -15.18
CA ALA A 179 -7.00 11.11 -13.96
C ALA A 179 -7.80 12.39 -13.91
N LYS A 180 -7.93 13.07 -15.06
CA LYS A 180 -8.75 14.28 -15.11
C LYS A 180 -10.22 13.94 -14.86
N ARG A 181 -10.69 12.87 -15.48
CA ARG A 181 -12.07 12.45 -15.22
C ARG A 181 -12.32 12.08 -13.77
N SER A 182 -11.31 11.45 -13.15
CA SER A 182 -11.35 11.12 -11.73
C SER A 182 -11.44 12.38 -10.87
N ARG A 183 -10.59 13.36 -11.15
CA ARG A 183 -10.63 14.63 -10.45
C ARG A 183 -11.99 15.30 -10.51
N ASP A 184 -12.53 15.36 -11.73
CA ASP A 184 -13.81 16.03 -11.92
C ASP A 184 -14.94 15.25 -11.26
N ALA A 185 -14.93 13.93 -11.32
CA ALA A 185 -15.95 13.15 -10.64
C ALA A 185 -15.90 13.38 -9.13
N PHE A 186 -14.71 13.33 -8.53
CA PHE A 186 -14.54 13.55 -7.10
C PHE A 186 -15.02 14.92 -6.70
N ASP A 187 -14.65 15.94 -7.43
CA ASP A 187 -14.95 17.32 -7.08
C ASP A 187 -16.46 17.57 -7.24
N SER A 188 -17.13 16.78 -8.07
CA SER A 188 -18.55 17.06 -8.33
C SER A 188 -19.41 16.60 -7.20
N ARG A 189 -18.81 15.74 -6.39
CA ARG A 189 -19.46 15.17 -5.27
C ARG A 189 -19.09 15.87 -3.99
N LYS A 190 -19.90 16.84 -3.56
CA LYS A 190 -19.46 17.74 -2.51
C LYS A 190 -19.02 17.04 -1.24
N GLU A 191 -19.73 16.07 -0.73
CA GLU A 191 -19.45 15.42 0.54
C GLU A 191 -18.10 14.73 0.44
N GLN A 192 -17.88 14.16 -0.75
CA GLN A 192 -16.60 13.51 -0.97
C GLN A 192 -15.45 14.50 -1.04
N ALA A 193 -15.61 15.55 -1.82
CA ALA A 193 -14.60 16.56 -1.97
C ALA A 193 -14.27 17.25 -0.66
N GLU A 194 -15.23 17.36 0.23
CA GLU A 194 -15.03 18.07 1.47
C GLU A 194 -14.43 17.17 2.54
N ASN A 195 -14.57 15.87 2.48
CA ASN A 195 -14.13 14.98 3.55
C ASN A 195 -13.03 13.99 3.23
N ALA A 196 -12.79 13.74 1.96
CA ALA A 196 -11.81 12.79 1.49
C ALA A 196 -10.71 13.51 0.72
N ALA A 197 -9.65 12.77 0.39
CA ALA A 197 -8.53 13.23 -0.42
C ALA A 197 -8.47 12.41 -1.70
N LEU A 198 -7.84 12.93 -2.73
CA LEU A 198 -7.70 12.25 -4.01
C LEU A 198 -6.23 12.21 -4.40
N PHE A 199 -5.73 11.05 -4.71
CA PHE A 199 -4.35 10.88 -5.20
C PHE A 199 -4.38 10.52 -6.68
N GLY A 200 -3.42 11.08 -7.42
CA GLY A 200 -3.27 10.72 -8.82
C GLY A 200 -2.20 9.66 -8.95
N ILE A 201 -2.14 8.90 -10.04
CA ILE A 201 -1.16 7.82 -10.18
C ILE A 201 -0.32 8.05 -11.41
N GLN A 202 0.97 8.19 -11.26
CA GLN A 202 1.93 8.32 -12.34
C GLN A 202 2.14 6.96 -12.99
N GLN A 203 2.07 6.78 -14.28
CA GLN A 203 2.47 5.78 -15.19
C GLN A 203 3.63 6.20 -16.07
N GLY A 204 3.87 5.40 -17.08
CA GLY A 204 4.99 5.51 -18.00
C GLY A 204 5.99 4.41 -18.00
N SER A 205 5.67 3.30 -17.34
CA SER A 205 6.54 2.12 -17.30
C SER A 205 7.93 2.52 -16.82
N VAL A 206 8.98 2.08 -17.51
CA VAL A 206 10.35 2.40 -17.05
C VAL A 206 10.95 3.53 -17.81
N PHE A 207 10.15 4.30 -18.58
CA PHE A 207 10.71 5.33 -19.47
C PHE A 207 10.65 6.71 -18.88
N GLU A 208 11.81 7.37 -18.76
CA GLU A 208 11.92 8.65 -18.11
C GLU A 208 11.04 9.71 -18.73
N ASN A 209 11.06 9.79 -20.06
CA ASN A 209 10.26 10.86 -20.67
C ASN A 209 8.76 10.73 -20.44
N LEU A 210 8.26 9.50 -20.43
CA LEU A 210 6.85 9.22 -20.21
C LEU A 210 6.49 9.48 -18.74
N ARG A 211 7.37 9.10 -17.84
CA ARG A 211 7.21 9.43 -16.41
C ARG A 211 7.15 10.93 -16.21
N GLN A 212 7.95 11.72 -16.93
CA GLN A 212 7.93 13.15 -16.82
C GLN A 212 6.62 13.73 -17.32
N GLN A 213 6.23 13.23 -18.49
CA GLN A 213 4.96 13.68 -19.04
C GLN A 213 3.78 13.40 -18.10
N SER A 214 3.82 12.21 -17.52
CA SER A 214 2.77 11.85 -16.58
C SER A 214 2.80 12.71 -15.33
N ALA A 215 3.98 12.88 -14.76
CA ALA A 215 4.09 13.78 -13.59
C ALA A 215 3.55 15.17 -13.89
N ASP A 216 3.94 15.70 -15.05
CA ASP A 216 3.48 17.02 -15.44
C ASP A 216 1.98 17.09 -15.62
N ALA A 217 1.36 16.10 -16.21
CA ALA A 217 -0.08 16.05 -16.40
C ALA A 217 -0.80 16.01 -15.07
N LEU A 218 -0.27 15.19 -14.17
CA LEU A 218 -0.90 15.06 -12.85
CA LEU A 218 -0.93 15.05 -12.85
C LEU A 218 -0.81 16.34 -12.04
N ALA A 219 0.37 16.97 -12.08
CA ALA A 219 0.52 18.22 -11.34
C ALA A 219 -0.35 19.35 -11.90
N GLU A 220 -0.58 19.32 -13.21
CA GLU A 220 -1.42 20.34 -13.86
C GLU A 220 -2.85 20.20 -13.37
N ILE A 221 -3.31 18.96 -13.29
CA ILE A 221 -4.62 18.71 -12.73
C ILE A 221 -4.67 19.02 -11.25
N GLY A 222 -3.66 18.55 -10.51
CA GLY A 222 -3.57 18.83 -9.11
C GLY A 222 -4.24 17.80 -8.22
N PHE A 223 -3.47 17.18 -7.36
CA PHE A 223 -4.00 16.12 -6.47
C PHE A 223 -3.49 16.37 -5.07
N ASP A 224 -4.03 15.68 -4.08
CA ASP A 224 -3.57 15.77 -2.71
C ASP A 224 -2.34 14.93 -2.47
N GLY A 225 -2.08 13.96 -3.29
CA GLY A 225 -0.97 13.04 -3.19
C GLY A 225 -0.69 12.37 -4.50
N TYR A 226 0.45 11.79 -4.71
CA TYR A 226 0.85 11.28 -6.01
C TYR A 226 1.41 9.88 -5.80
N ALA A 227 0.85 8.91 -6.44
CA ALA A 227 1.34 7.55 -6.42
C ALA A 227 2.26 7.32 -7.61
N VAL A 228 3.26 6.47 -7.38
CA VAL A 228 4.06 5.88 -8.45
C VAL A 228 3.41 4.56 -8.77
N GLY A 229 2.69 4.48 -9.88
CA GLY A 229 2.08 3.28 -10.39
C GLY A 229 2.98 2.54 -11.35
N GLY A 230 2.61 1.35 -11.75
CA GLY A 230 3.30 0.63 -12.80
C GLY A 230 4.60 0.00 -12.43
N LEU A 231 4.91 -0.09 -11.13
CA LEU A 231 6.12 -0.78 -10.67
C LEU A 231 5.76 -1.98 -9.79
N ALA A 232 6.78 -2.70 -9.36
CA ALA A 232 6.58 -3.99 -8.71
C ALA A 232 5.65 -4.89 -9.51
N VAL A 233 5.90 -4.95 -10.84
CA VAL A 233 5.10 -5.79 -11.72
C VAL A 233 5.95 -6.73 -12.57
N GLY A 234 7.12 -7.06 -12.09
CA GLY A 234 8.02 -7.98 -12.76
C GLY A 234 9.38 -7.44 -13.09
N GLU A 235 9.66 -6.15 -12.95
CA GLU A 235 10.93 -5.56 -13.34
C GLU A 235 12.09 -5.86 -12.40
N GLY A 236 11.89 -6.25 -11.15
CA GLY A 236 13.09 -6.44 -10.31
C GLY A 236 13.51 -5.18 -9.58
N GLN A 237 14.14 -5.40 -8.43
CA GLN A 237 14.52 -4.28 -7.56
C GLN A 237 15.47 -3.32 -8.22
N ASP A 238 16.54 -3.77 -8.91
CA ASP A 238 17.45 -2.82 -9.50
C ASP A 238 16.75 -1.84 -10.44
N GLU A 239 15.87 -2.38 -11.29
CA GLU A 239 15.14 -1.58 -12.24
C GLU A 239 14.10 -0.66 -11.58
N MET A 240 13.42 -1.25 -10.59
CA MET A 240 12.46 -0.43 -9.85
C MET A 240 13.17 0.79 -9.24
N PHE A 241 14.30 0.56 -8.58
CA PHE A 241 15.08 1.63 -7.98
C PHE A 241 15.61 2.63 -9.00
N ARG A 242 16.06 2.16 -10.16
CA ARG A 242 16.49 3.03 -11.24
C ARG A 242 15.36 3.96 -11.68
N VAL A 243 14.14 3.41 -11.79
CA VAL A 243 13.00 4.21 -12.23
C VAL A 243 12.60 5.20 -11.15
N LEU A 244 12.60 4.78 -9.87
CA LEU A 244 12.30 5.71 -8.80
C LEU A 244 13.30 6.86 -8.71
N ASP A 245 14.56 6.53 -9.01
CA ASP A 245 15.60 7.56 -8.93
C ASP A 245 15.22 8.79 -9.74
N PHE A 246 14.70 8.64 -10.95
CA PHE A 246 14.29 9.80 -11.73
C PHE A 246 12.81 10.14 -11.57
N SER A 247 11.96 9.17 -11.15
CA SER A 247 10.53 9.43 -11.19
C SER A 247 10.02 10.20 -9.98
N VAL A 248 10.52 9.83 -8.79
CA VAL A 248 10.01 10.58 -7.62
C VAL A 248 10.31 12.05 -7.62
N PRO A 249 11.50 12.48 -8.01
CA PRO A 249 11.74 13.92 -8.07
C PRO A 249 10.83 14.71 -9.01
N MET A 250 10.15 14.07 -9.95
CA MET A 250 9.24 14.72 -10.85
C MET A 250 7.91 15.12 -10.21
N LEU A 251 7.62 14.46 -9.10
CA LEU A 251 6.35 14.69 -8.41
C LEU A 251 6.44 15.90 -7.50
N PRO A 252 5.38 16.60 -7.21
CA PRO A 252 5.45 17.73 -6.26
C PRO A 252 6.08 17.30 -4.93
N ASP A 253 7.09 18.04 -4.48
CA ASP A 253 7.79 17.71 -3.26
C ASP A 253 6.89 17.83 -2.03
N ASP A 254 5.96 18.75 -1.96
CA ASP A 254 5.13 19.02 -0.79
C ASP A 254 3.89 18.18 -0.62
N LYS A 255 3.77 17.13 -1.43
CA LYS A 255 2.65 16.20 -1.30
C LYS A 255 3.20 14.79 -1.10
N PRO A 256 2.43 13.92 -0.45
CA PRO A 256 2.94 12.57 -0.26
C PRO A 256 3.14 11.80 -1.56
N HIS A 257 4.12 10.89 -1.51
CA HIS A 257 4.50 10.02 -2.60
C HIS A 257 4.25 8.57 -2.24
N TYR A 258 3.42 7.86 -2.96
CA TYR A 258 2.89 6.54 -2.58
C TYR A 258 3.39 5.52 -3.62
N LEU A 259 4.18 4.55 -3.18
CA LEU A 259 4.62 3.48 -4.09
C LEU A 259 3.69 2.29 -3.94
N MET A 260 2.86 2.05 -4.97
CA MET A 260 1.81 1.06 -4.92
C MET A 260 2.38 -0.35 -4.97
N GLY A 261 1.99 -1.16 -4.02
CA GLY A 261 2.26 -2.59 -4.03
C GLY A 261 3.64 -2.98 -3.59
N VAL A 262 4.38 -2.07 -3.00
CA VAL A 262 5.70 -2.40 -2.46
C VAL A 262 5.67 -2.42 -0.94
N GLY A 263 6.34 -3.35 -0.27
CA GLY A 263 7.03 -4.48 -0.84
C GLY A 263 7.79 -5.21 0.23
N LYS A 264 8.89 -5.82 -0.15
CA LYS A 264 9.74 -6.48 0.83
C LYS A 264 10.43 -5.45 1.69
N PRO A 265 10.87 -5.80 2.89
CA PRO A 265 11.54 -4.81 3.76
C PRO A 265 12.64 -4.03 3.09
N ASP A 266 13.53 -4.72 2.35
CA ASP A 266 14.57 -3.96 1.68
CA ASP A 266 14.59 -3.95 1.68
C ASP A 266 14.08 -3.05 0.56
N ASP A 267 12.95 -3.42 -0.06
CA ASP A 267 12.39 -2.54 -1.10
C ASP A 267 11.90 -1.25 -0.45
N ILE A 268 11.26 -1.39 0.72
CA ILE A 268 10.73 -0.25 1.47
C ILE A 268 11.85 0.71 1.84
N VAL A 269 12.95 0.18 2.43
CA VAL A 269 14.07 1.00 2.84
C VAL A 269 14.62 1.78 1.64
N GLY A 270 14.87 1.05 0.53
CA GLY A 270 15.40 1.70 -0.65
C GLY A 270 14.51 2.74 -1.25
N ALA A 271 13.21 2.45 -1.20
CA ALA A 271 12.24 3.41 -1.74
C ALA A 271 12.12 4.67 -0.91
N VAL A 272 12.22 4.53 0.41
CA VAL A 272 12.25 5.72 1.26
C VAL A 272 13.49 6.53 0.97
N GLU A 273 14.66 5.89 0.77
CA GLU A 273 15.87 6.58 0.37
C GLU A 273 15.67 7.38 -0.91
N ARG A 274 14.67 7.01 -1.72
CA ARG A 274 14.37 7.68 -2.98
C ARG A 274 13.16 8.57 -2.94
N GLY A 275 12.59 8.85 -1.75
CA GLY A 275 11.55 9.79 -1.56
C GLY A 275 10.13 9.33 -1.42
N ILE A 276 9.93 8.03 -1.23
CA ILE A 276 8.59 7.52 -1.03
C ILE A 276 8.16 7.63 0.43
N ASP A 277 6.88 7.96 0.61
CA ASP A 277 6.25 8.22 1.89
C ASP A 277 5.22 7.19 2.31
N MET A 278 4.68 6.39 1.39
CA MET A 278 3.59 5.47 1.69
C MET A 278 3.76 4.20 0.85
N PHE A 279 3.36 3.09 1.46
CA PHE A 279 3.46 1.75 0.95
C PHE A 279 2.26 0.89 1.34
N ASP A 280 2.03 -0.10 0.47
CA ASP A 280 1.07 -1.15 0.79
C ASP A 280 1.60 -2.44 0.15
N CYS A 281 1.36 -3.57 0.85
CA CYS A 281 1.77 -4.84 0.25
C CYS A 281 1.08 -5.99 0.96
N VAL A 282 0.71 -7.05 0.25
CA VAL A 282 0.14 -8.24 0.90
C VAL A 282 1.21 -9.14 1.48
N LEU A 283 2.49 -8.92 1.24
CA LEU A 283 3.56 -9.81 1.70
C LEU A 283 3.45 -10.16 3.19
N PRO A 284 3.36 -9.24 4.14
CA PRO A 284 3.36 -9.64 5.56
C PRO A 284 2.18 -10.53 5.89
N THR A 285 0.99 -10.27 5.36
CA THR A 285 -0.21 -11.05 5.68
C THR A 285 -0.17 -12.39 4.95
N ARG A 286 -0.02 -12.35 3.61
CA ARG A 286 -0.11 -13.60 2.85
CA ARG A 286 -0.06 -13.56 2.80
C ARG A 286 1.05 -14.51 3.16
N SER A 287 2.28 -14.01 3.20
CA SER A 287 3.43 -14.87 3.46
CA SER A 287 3.39 -14.95 3.43
C SER A 287 3.36 -15.37 4.89
N GLY A 288 2.81 -14.57 5.79
CA GLY A 288 2.68 -15.04 7.18
C GLY A 288 1.78 -16.27 7.24
N ARG A 289 0.66 -16.21 6.52
CA ARG A 289 -0.22 -17.39 6.49
C ARG A 289 0.49 -18.59 5.88
N ASN A 290 1.47 -18.38 5.02
CA ASN A 290 2.23 -19.45 4.38
C ASN A 290 3.44 -19.87 5.17
N GLY A 291 3.65 -19.30 6.35
CA GLY A 291 4.75 -19.78 7.15
C GLY A 291 6.00 -18.95 7.14
N GLN A 292 6.01 -17.82 6.42
CA GLN A 292 7.19 -16.97 6.30
C GLN A 292 7.10 -15.86 7.37
N ALA A 293 8.05 -15.80 8.26
CA ALA A 293 8.13 -14.78 9.29
C ALA A 293 9.29 -13.85 9.00
N PHE A 294 9.03 -12.53 9.10
CA PHE A 294 10.08 -11.54 8.98
C PHE A 294 10.85 -11.35 10.26
N THR A 295 12.18 -11.26 10.19
CA THR A 295 13.02 -11.05 11.35
C THR A 295 14.10 -10.05 10.93
N TRP A 296 14.79 -9.45 11.91
CA TRP A 296 15.86 -8.54 11.50
C TRP A 296 17.08 -9.19 10.91
N ASP A 297 17.26 -10.48 11.13
CA ASP A 297 18.22 -11.34 10.45
C ASP A 297 17.72 -11.98 9.17
N GLY A 298 16.63 -11.50 8.56
CA GLY A 298 16.07 -12.00 7.34
C GLY A 298 14.83 -12.84 7.59
N PRO A 299 14.15 -13.19 6.52
CA PRO A 299 12.95 -14.04 6.67
C PRO A 299 13.31 -15.47 7.04
N ILE A 300 12.38 -16.13 7.73
CA ILE A 300 12.54 -17.55 8.08
C ILE A 300 11.26 -18.26 7.68
N ASN A 301 11.33 -19.57 7.35
CA ASN A 301 10.14 -20.32 7.09
C ASN A 301 9.90 -21.23 8.31
N ILE A 302 8.88 -20.83 9.07
CA ILE A 302 8.65 -21.46 10.35
C ILE A 302 8.27 -22.93 10.21
N ARG A 303 7.84 -23.38 9.04
CA ARG A 303 7.50 -24.77 8.86
CA ARG A 303 7.49 -24.76 8.76
C ARG A 303 8.74 -25.64 8.85
N ASN A 304 9.93 -25.11 8.64
CA ASN A 304 11.14 -25.93 8.58
C ASN A 304 11.35 -26.69 9.89
N ALA A 305 11.74 -27.94 9.74
CA ALA A 305 11.97 -28.86 10.85
C ALA A 305 12.92 -28.29 11.88
N ARG A 306 13.82 -27.39 11.57
CA ARG A 306 14.79 -26.85 12.49
C ARG A 306 14.12 -26.03 13.60
N PHE A 307 12.87 -25.62 13.38
CA PHE A 307 12.16 -24.86 14.42
C PHE A 307 11.32 -25.73 15.32
N SER A 308 11.24 -27.04 15.14
CA SER A 308 10.27 -27.86 15.89
C SER A 308 10.48 -27.86 17.40
N GLU A 309 11.69 -27.60 17.87
CA GLU A 309 11.99 -27.57 19.29
C GLU A 309 12.67 -26.29 19.70
N ASP A 310 12.51 -25.23 18.92
CA ASP A 310 13.14 -23.93 19.14
C ASP A 310 12.27 -23.09 20.05
N LEU A 311 12.76 -22.80 21.25
CA LEU A 311 11.93 -22.10 22.22
C LEU A 311 12.01 -20.56 22.09
N LYS A 312 12.86 -20.07 21.21
CA LYS A 312 13.02 -18.63 21.02
C LYS A 312 11.76 -18.09 20.36
N PRO A 313 11.46 -16.81 20.54
CA PRO A 313 10.38 -16.16 19.78
C PRO A 313 10.77 -15.99 18.31
N LEU A 314 9.78 -15.72 17.43
CA LEU A 314 10.08 -15.55 16.01
CA LEU A 314 10.02 -15.50 16.01
C LEU A 314 11.24 -14.61 15.75
N ASP A 315 11.28 -13.50 16.46
CA ASP A 315 12.38 -12.54 16.30
C ASP A 315 12.82 -12.10 17.70
N SER A 316 14.12 -12.00 17.88
CA SER A 316 14.76 -11.80 19.16
C SER A 316 14.58 -10.44 19.80
N GLU A 317 14.25 -9.46 18.96
CA GLU A 317 14.13 -8.08 19.43
C GLU A 317 12.67 -7.63 19.40
N CYS A 318 11.86 -8.24 18.55
CA CYS A 318 10.49 -7.77 18.31
C CYS A 318 9.66 -7.59 19.58
N HIS A 319 8.92 -6.46 19.58
CA HIS A 319 8.13 -6.08 20.73
C HIS A 319 6.70 -6.59 20.68
N CYS A 320 6.37 -7.37 19.65
CA CYS A 320 4.98 -7.71 19.43
C CYS A 320 4.50 -8.72 20.46
N ALA A 321 3.20 -8.77 20.67
CA ALA A 321 2.60 -9.67 21.65
C ALA A 321 2.90 -11.12 21.31
N VAL A 322 3.08 -11.46 20.04
CA VAL A 322 3.35 -12.84 19.67
C VAL A 322 4.73 -13.25 20.21
N CYS A 323 5.70 -12.38 19.99
CA CYS A 323 7.06 -12.67 20.42
C CYS A 323 7.17 -12.58 21.92
N GLN A 324 6.29 -11.92 22.63
CA GLN A 324 6.34 -11.91 24.10
C GLN A 324 5.83 -13.22 24.66
N LYS A 325 5.01 -13.95 23.91
CA LYS A 325 4.27 -15.03 24.56
C LYS A 325 4.50 -16.43 23.97
N TRP A 326 4.85 -16.57 22.70
CA TRP A 326 4.89 -17.89 22.10
C TRP A 326 6.21 -18.15 21.42
N SER A 327 6.57 -19.42 21.40
CA SER A 327 7.81 -19.86 20.75
C SER A 327 7.66 -20.19 19.28
N ARG A 328 8.82 -20.18 18.62
CA ARG A 328 8.92 -20.71 17.27
C ARG A 328 8.39 -22.14 17.21
N ALA A 329 8.69 -22.95 18.22
CA ALA A 329 8.24 -24.34 18.21
C ALA A 329 6.72 -24.44 18.17
N TYR A 330 6.05 -23.60 18.95
CA TYR A 330 4.60 -23.68 18.96
C TYR A 330 4.01 -23.23 17.63
N ILE A 331 4.52 -22.11 17.12
CA ILE A 331 3.99 -21.55 15.85
C ILE A 331 4.29 -22.52 14.71
N HIS A 332 5.46 -23.16 14.74
CA HIS A 332 5.77 -24.24 13.82
C HIS A 332 4.72 -25.33 13.83
N HIS A 333 4.38 -25.80 15.00
CA HIS A 333 3.32 -26.80 15.16
C HIS A 333 2.00 -26.32 14.58
N LEU A 334 1.62 -25.10 14.92
CA LEU A 334 0.31 -24.60 14.49
C LEU A 334 0.24 -24.51 12.96
N ILE A 335 1.28 -24.01 12.30
CA ILE A 335 1.27 -23.84 10.85
C ILE A 335 1.32 -25.23 10.21
N ARG A 336 2.14 -26.14 10.75
CA ARG A 336 2.19 -27.48 10.19
C ARG A 336 0.84 -28.17 10.26
N ALA A 337 0.10 -27.90 11.33
CA ALA A 337 -1.21 -28.48 11.54
C ALA A 337 -2.32 -27.77 10.78
N GLY A 338 -2.04 -26.67 10.15
CA GLY A 338 -3.02 -25.81 9.51
C GLY A 338 -4.02 -25.18 10.44
N GLU A 339 -3.61 -24.86 11.66
CA GLU A 339 -4.47 -24.23 12.66
C GLU A 339 -4.58 -22.75 12.40
N ILE A 340 -5.79 -22.25 12.57
CA ILE A 340 -6.08 -20.83 12.36
C ILE A 340 -5.26 -19.96 13.24
N LEU A 341 -5.01 -20.37 14.49
CA LEU A 341 -4.21 -19.56 15.37
C LEU A 341 -2.78 -19.37 14.83
N GLY A 342 -2.31 -20.36 14.04
CA GLY A 342 -1.02 -20.17 13.38
C GLY A 342 -1.02 -18.97 12.43
N ALA A 343 -2.06 -18.88 11.62
CA ALA A 343 -2.21 -17.76 10.70
C ALA A 343 -2.34 -16.47 11.49
N MET A 344 -3.14 -16.46 12.55
CA MET A 344 -3.29 -15.27 13.36
C MET A 344 -1.97 -14.79 13.93
N LEU A 345 -1.20 -15.67 14.53
CA LEU A 345 0.04 -15.29 15.20
C LEU A 345 1.10 -14.84 14.20
N MET A 346 1.26 -15.58 13.11
CA MET A 346 2.22 -15.20 12.10
C MET A 346 1.87 -13.82 11.49
N THR A 347 0.60 -13.62 11.25
CA THR A 347 0.19 -12.35 10.61
C THR A 347 0.39 -11.19 11.57
N GLU A 348 0.06 -11.34 12.85
CA GLU A 348 0.26 -10.29 13.79
C GLU A 348 1.74 -9.95 13.89
N HIS A 349 2.63 -10.95 13.97
CA HIS A 349 4.05 -10.68 14.06
C HIS A 349 4.52 -9.93 12.80
N ASN A 350 4.13 -10.41 11.63
CA ASN A 350 4.68 -9.81 10.40
C ASN A 350 4.19 -8.38 10.25
N ILE A 351 2.93 -8.13 10.55
CA ILE A 351 2.48 -6.72 10.50
C ILE A 351 3.15 -5.90 11.56
N ALA A 352 3.41 -6.42 12.75
CA ALA A 352 4.13 -5.65 13.76
C ALA A 352 5.56 -5.40 13.31
N PHE A 353 6.19 -6.41 12.71
CA PHE A 353 7.54 -6.22 12.20
C PHE A 353 7.57 -5.05 11.20
N TYR A 354 6.66 -5.05 10.23
CA TYR A 354 6.61 -3.97 9.23
C TYR A 354 6.40 -2.65 9.91
N GLN A 355 5.50 -2.57 10.89
CA GLN A 355 5.29 -1.27 11.58
C GLN A 355 6.55 -0.85 12.34
N GLN A 356 7.28 -1.81 12.94
CA GLN A 356 8.52 -1.50 13.64
C GLN A 356 9.57 -1.00 12.67
N LEU A 357 9.60 -1.58 11.48
CA LEU A 357 10.52 -1.11 10.44
C LEU A 357 10.15 0.33 10.12
N MET A 358 8.87 0.60 9.92
CA MET A 358 8.53 1.99 9.59
C MET A 358 8.86 2.95 10.73
N GLN A 359 8.71 2.54 11.98
CA GLN A 359 9.07 3.39 13.12
C GLN A 359 10.57 3.66 13.12
N LYS A 360 11.35 2.62 12.85
CA LYS A 360 12.80 2.83 12.88
C LYS A 360 13.23 3.75 11.75
N ILE A 361 12.57 3.64 10.60
CA ILE A 361 12.83 4.57 9.50
C ILE A 361 12.47 5.97 9.88
N ARG A 362 11.27 6.16 10.43
CA ARG A 362 10.86 7.51 10.82
C ARG A 362 11.82 8.11 11.84
N ASP A 363 12.14 7.35 12.87
CA ASP A 363 13.02 7.87 13.92
C ASP A 363 14.40 8.17 13.38
N SER A 364 14.92 7.31 12.52
CA SER A 364 16.27 7.54 12.00
C SER A 364 16.28 8.74 11.08
N ILE A 365 15.22 9.04 10.30
CA ILE A 365 15.28 10.25 9.48
C ILE A 365 15.17 11.46 10.41
N SER A 366 14.31 11.42 11.43
CA SER A 366 14.12 12.50 12.37
C SER A 366 15.47 12.81 13.05
N GLU A 367 16.30 11.83 13.21
CA GLU A 367 17.60 12.01 13.92
C GLU A 367 18.75 12.16 12.96
N GLY A 368 18.48 12.20 11.66
CA GLY A 368 19.56 12.42 10.72
C GLY A 368 20.49 11.25 10.60
N ARG A 369 20.08 10.02 10.85
CA ARG A 369 20.91 8.83 10.77
C ARG A 369 20.25 7.68 10.02
N PHE A 370 19.38 8.11 9.08
CA PHE A 370 18.76 7.11 8.20
C PHE A 370 19.74 6.41 7.26
N SER A 371 20.74 7.10 6.69
CA SER A 371 21.63 6.36 5.79
C SER A 371 22.36 5.31 6.58
N GLN A 372 22.83 5.61 7.79
CA GLN A 372 23.42 4.57 8.62
C GLN A 372 22.46 3.45 8.98
N PHE A 373 21.20 3.82 9.31
CA PHE A 373 20.23 2.77 9.58
C PHE A 373 20.06 1.84 8.39
N ALA A 374 19.92 2.39 7.19
CA ALA A 374 19.70 1.57 5.99
C ALA A 374 20.86 0.61 5.77
N GLN A 375 22.09 1.10 5.96
CA GLN A 375 23.23 0.21 5.83
C GLN A 375 23.26 -0.83 6.91
N ASP A 376 23.01 -0.49 8.18
CA ASP A 376 23.00 -1.45 9.28
C ASP A 376 21.94 -2.51 9.03
N PHE A 377 20.77 -2.00 8.64
CA PHE A 377 19.64 -2.87 8.37
C PHE A 377 20.03 -3.93 7.36
N ARG A 378 20.54 -3.50 6.21
CA ARG A 378 20.90 -4.41 5.15
C ARG A 378 22.02 -5.39 5.49
N ALA A 379 23.05 -4.92 6.17
CA ALA A 379 24.14 -5.84 6.51
C ALA A 379 23.63 -6.97 7.36
N ARG A 380 22.71 -6.63 8.27
CA ARG A 380 22.18 -7.68 9.13
C ARG A 380 21.12 -8.58 8.51
N TYR A 381 20.18 -7.96 7.84
CA TYR A 381 19.11 -8.68 7.18
C TYR A 381 19.65 -9.66 6.15
N PHE A 382 20.70 -9.24 5.45
CA PHE A 382 21.23 -10.14 4.42
C PHE A 382 22.47 -10.90 4.88
N ALA A 383 22.70 -11.04 6.17
CA ALA A 383 23.97 -11.65 6.63
C ALA A 383 24.07 -13.15 6.39
ZN ZN B . 7.00 -10.37 16.93
C2 2MQ C . -0.99 0.68 -10.38
O19 2MQ C . -0.17 1.08 -11.22
N3 2MQ C . -2.20 1.19 -10.26
C4 2MQ C . -3.03 0.80 -9.30
N20 2MQ C . -4.24 1.31 -9.25
N5 2MQ C . -2.68 -0.09 -8.41
C6 2MQ C . -1.46 -0.73 -8.40
C10 2MQ C . -1.18 -1.82 -7.56
C16 2MQ C . -2.12 -2.36 -6.47
C17 2MQ C . -1.68 -1.79 -5.05
N18 2MQ C . -2.20 -2.71 -4.01
C9 2MQ C . 0.04 -2.48 -7.73
N11 2MQ C . 0.62 -3.51 -7.06
C12 2MQ C . 1.75 -3.75 -7.61
N14 2MQ C . 2.62 -4.67 -7.23
C15 2MQ C . 2.42 -5.65 -6.18
N13 2MQ C . 2.06 -2.86 -8.52
C8 2MQ C . 1.02 -2.00 -8.61
C7 2MQ C . 0.73 -0.99 -9.50
C1 2MQ C . -0.54 -0.39 -9.41
C1 GOL D . 1.47 22.11 -4.91
O1 GOL D . 1.81 20.74 -4.74
C2 GOL D . 0.17 22.43 -4.13
O2 GOL D . 0.47 22.65 -2.75
C3 GOL D . -0.47 23.70 -4.73
O3 GOL D . -1.86 23.73 -4.41
C1 GOL E . -9.39 -0.37 15.51
O1 GOL E . -10.50 -1.19 15.92
C2 GOL E . -9.88 1.08 15.65
O2 GOL E . -11.11 1.25 14.92
C3 GOL E . -8.75 2.01 15.19
O3 GOL E . -8.85 3.22 15.95
C1 GOL F . 18.10 -3.01 11.98
O1 GOL F . 19.10 -4.01 11.77
C2 GOL F . 17.61 -2.93 13.43
O2 GOL F . 16.19 -2.72 13.48
C3 GOL F . 17.87 -4.25 14.19
O3 GOL F . 17.62 -4.00 15.58
#